data_3B4Q
#
_entry.id   3B4Q
#
_cell.length_a   65.658
_cell.length_b   103.857
_cell.length_c   26.329
_cell.angle_alpha   90.00
_cell.angle_beta   90.00
_cell.angle_gamma   90.00
#
_symmetry.space_group_name_H-M   'P 21 21 2'
#
loop_
_entity.id
_entity.type
_entity.pdbx_description
1 polymer 'Uncharacterized protein'
2 non-polymer 'SULFATE ION'
3 water water
#
_entity_poly.entity_id   1
_entity_poly.type   'polypeptide(L)'
_entity_poly.pdbx_seq_one_letter_code
;SNALNSAPTPRDVVANAPAPVQAAVAGAQEYAAQAGLNTEELAVDALYNAIKVRLAGTGLGIPPQIEAFYQANRTNFNGF
Y(MSE)ANRGAIDFIFS(MSE)
;
_entity_poly.pdbx_strand_id   A,B
#
# COMPACT_ATOMS: atom_id res chain seq x y z
N LEU A 4 4.46 2.91 17.91
CA LEU A 4 5.50 3.92 18.28
C LEU A 4 4.84 5.28 18.52
N ASN A 5 3.95 5.34 19.49
CA ASN A 5 3.17 6.51 19.40
C ASN A 5 3.64 7.90 19.78
N SER A 6 4.80 8.03 20.44
CA SER A 6 5.42 9.38 20.60
C SER A 6 6.36 9.72 19.44
N ALA A 7 6.53 8.80 18.49
CA ALA A 7 7.39 9.12 17.35
C ALA A 7 6.70 10.07 16.36
N PRO A 8 7.48 10.87 15.65
CA PRO A 8 6.88 11.65 14.55
C PRO A 8 6.40 10.73 13.45
N THR A 9 5.23 11.05 12.95
CA THR A 9 4.66 10.32 11.83
C THR A 9 5.12 10.98 10.51
N PRO A 10 4.97 10.29 9.38
CA PRO A 10 5.29 10.95 8.12
C PRO A 10 4.62 12.33 7.96
N ARG A 11 3.36 12.48 8.39
CA ARG A 11 2.72 13.80 8.32
CA ARG A 11 2.67 13.78 8.37
C ARG A 11 3.46 14.87 9.11
N ASP A 12 4.05 14.50 10.24
CA ASP A 12 4.83 15.47 11.03
C ASP A 12 6.13 15.80 10.31
N VAL A 13 6.78 14.78 9.76
CA VAL A 13 8.02 14.99 9.00
C VAL A 13 7.85 16.00 7.85
N VAL A 14 6.70 15.96 7.18
CA VAL A 14 6.50 16.89 6.05
C VAL A 14 5.63 18.09 6.39
N ALA A 15 5.59 18.44 7.68
CA ALA A 15 4.82 19.61 8.17
C ALA A 15 5.11 20.89 7.39
N ASN A 16 6.37 21.01 6.91
CA ASN A 16 6.81 22.24 6.21
C ASN A 16 7.03 22.07 4.70
N ALA A 17 6.54 20.95 4.18
CA ALA A 17 6.73 20.59 2.77
C ALA A 17 5.64 21.22 1.90
N PRO A 18 5.86 21.24 0.57
CA PRO A 18 4.79 21.70 -0.30
C PRO A 18 3.50 20.94 -0.11
N ALA A 19 2.40 21.62 -0.41
CA ALA A 19 1.09 21.03 -0.25
C ALA A 19 0.92 19.64 -0.91
N PRO A 20 1.36 19.48 -2.17
CA PRO A 20 1.19 18.15 -2.81
C PRO A 20 1.94 17.01 -2.07
N VAL A 21 3.05 17.35 -1.42
CA VAL A 21 3.80 16.38 -0.63
C VAL A 21 2.94 16.04 0.60
N GLN A 22 2.41 17.08 1.25
CA GLN A 22 1.55 16.85 2.40
CA GLN A 22 1.56 16.83 2.40
C GLN A 22 0.33 15.97 2.04
N ALA A 23 -0.26 16.21 0.88
CA ALA A 23 -1.41 15.46 0.42
C ALA A 23 -1.06 13.98 0.19
N ALA A 24 0.05 13.74 -0.50
CA ALA A 24 0.42 12.35 -0.83
C ALA A 24 0.71 11.58 0.47
N VAL A 25 1.41 12.24 1.40
CA VAL A 25 1.75 11.59 2.67
C VAL A 25 0.49 11.38 3.56
N ALA A 26 -0.39 12.37 3.59
CA ALA A 26 -1.63 12.25 4.39
C ALA A 26 -2.46 11.03 3.92
N GLY A 27 -2.62 10.91 2.59
CA GLY A 27 -3.42 9.80 2.03
C GLY A 27 -2.82 8.46 2.42
N ALA A 28 -1.48 8.35 2.33
CA ALA A 28 -0.82 7.09 2.68
C ALA A 28 -1.01 6.78 4.16
N GLN A 29 -0.82 7.79 5.02
CA GLN A 29 -0.88 7.56 6.45
C GLN A 29 -2.29 7.13 6.84
N GLU A 30 -3.30 7.73 6.22
CA GLU A 30 -4.72 7.44 6.50
CA GLU A 30 -4.68 7.39 6.59
C GLU A 30 -5.01 5.98 6.10
N TYR A 31 -4.65 5.67 4.86
CA TYR A 31 -4.93 4.31 4.32
C TYR A 31 -4.17 3.22 5.09
N ALA A 32 -2.91 3.49 5.39
CA ALA A 32 -2.10 2.51 6.15
C ALA A 32 -2.74 2.17 7.50
N ALA A 33 -3.29 3.20 8.15
CA ALA A 33 -3.95 2.95 9.43
C ALA A 33 -5.20 2.09 9.26
N GLN A 34 -6.00 2.38 8.22
CA GLN A 34 -7.25 1.67 7.93
CA GLN A 34 -7.24 1.65 7.98
C GLN A 34 -7.00 0.19 7.57
N ALA A 35 -6.02 -0.02 6.69
CA ALA A 35 -5.74 -1.34 6.14
C ALA A 35 -4.69 -2.17 6.90
N GLY A 36 -4.06 -1.59 7.92
CA GLY A 36 -3.03 -2.30 8.68
C GLY A 36 -1.71 -2.52 7.97
N LEU A 37 -1.37 -1.57 7.10
CA LEU A 37 -0.14 -1.64 6.36
C LEU A 37 0.91 -0.78 7.07
N ASN A 38 2.15 -0.93 6.63
CA ASN A 38 3.25 -0.18 7.23
C ASN A 38 3.19 1.26 6.77
N THR A 39 3.01 2.17 7.72
CA THR A 39 2.80 3.60 7.43
C THR A 39 3.99 4.23 6.70
N GLU A 40 5.19 3.99 7.22
CA GLU A 40 6.37 4.61 6.63
C GLU A 40 6.59 4.09 5.21
N GLU A 41 6.43 2.80 5.00
CA GLU A 41 6.65 2.24 3.68
C GLU A 41 5.63 2.80 2.68
N LEU A 42 4.35 2.84 3.09
CA LEU A 42 3.33 3.38 2.21
C LEU A 42 3.58 4.88 1.90
N ALA A 43 3.97 5.63 2.92
CA ALA A 43 4.26 7.04 2.71
C ALA A 43 5.46 7.27 1.77
N VAL A 44 6.52 6.49 1.93
CA VAL A 44 7.64 6.56 0.98
C VAL A 44 7.14 6.26 -0.45
N ASP A 45 6.37 5.17 -0.61
CA ASP A 45 5.84 4.85 -1.97
C ASP A 45 4.98 6.00 -2.55
N ALA A 46 4.07 6.53 -1.74
CA ALA A 46 3.17 7.62 -2.19
C ALA A 46 3.97 8.86 -2.58
N LEU A 47 4.98 9.23 -1.78
CA LEU A 47 5.74 10.42 -2.10
C LEU A 47 6.63 10.19 -3.33
N TYR A 48 7.25 9.01 -3.42
CA TYR A 48 8.03 8.70 -4.60
C TYR A 48 7.12 8.81 -5.85
N ASN A 49 5.91 8.26 -5.74
CA ASN A 49 5.04 8.34 -6.88
C ASN A 49 4.67 9.76 -7.22
N ALA A 50 4.44 10.60 -6.20
CA ALA A 50 4.06 11.99 -6.43
C ALA A 50 5.17 12.74 -7.20
N ILE A 51 6.40 12.46 -6.83
CA ILE A 51 7.56 13.04 -7.52
C ILE A 51 7.54 12.62 -8.99
N LYS A 52 7.32 11.32 -9.23
CA LYS A 52 7.23 10.81 -10.61
C LYS A 52 6.11 11.48 -11.42
N VAL A 53 4.94 11.63 -10.81
CA VAL A 53 3.77 12.28 -11.44
C VAL A 53 4.09 13.73 -11.83
N ARG A 54 4.76 14.44 -10.93
CA ARG A 54 5.12 15.84 -11.15
CA ARG A 54 5.09 15.85 -11.18
C ARG A 54 6.14 15.97 -12.29
N LEU A 55 7.06 15.02 -12.37
CA LEU A 55 8.09 15.00 -13.42
C LEU A 55 7.60 14.55 -14.78
N ALA A 56 6.62 13.64 -14.80
CA ALA A 56 6.02 13.18 -16.07
C ALA A 56 5.41 14.37 -16.81
N GLY A 57 4.78 15.26 -16.05
CA GLY A 57 4.05 16.42 -16.55
C GLY A 57 4.78 17.22 -17.61
N GLY A 61 11.17 11.83 -17.16
CA GLY A 61 12.10 10.81 -16.63
C GLY A 61 12.55 11.06 -15.19
N ILE A 62 12.56 10.02 -14.37
CA ILE A 62 12.98 10.13 -12.97
C ILE A 62 14.49 10.20 -12.88
N PRO A 63 15.05 11.30 -12.32
CA PRO A 63 16.50 11.34 -12.23
C PRO A 63 17.01 10.15 -11.42
N PRO A 64 18.09 9.51 -11.88
CA PRO A 64 18.65 8.34 -11.20
C PRO A 64 18.90 8.53 -9.69
N GLN A 65 19.27 9.75 -9.27
CA GLN A 65 19.56 9.97 -7.86
C GLN A 65 18.29 9.77 -7.04
N ILE A 66 17.15 10.22 -7.56
CA ILE A 66 15.90 10.08 -6.78
C ILE A 66 15.50 8.61 -6.63
N GLU A 67 15.60 7.86 -7.73
CA GLU A 67 15.40 6.42 -7.69
C GLU A 67 16.32 5.76 -6.68
N ALA A 68 17.57 6.21 -6.65
CA ALA A 68 18.54 5.58 -5.76
C ALA A 68 18.18 5.85 -4.31
N PHE A 69 17.81 7.09 -4.02
CA PHE A 69 17.39 7.40 -2.64
C PHE A 69 16.08 6.69 -2.19
N TYR A 70 15.20 6.42 -3.15
CA TYR A 70 14.03 5.58 -2.87
C TYR A 70 14.50 4.18 -2.47
N GLN A 71 15.39 3.59 -3.28
CA GLN A 71 15.81 2.20 -2.98
C GLN A 71 16.63 2.14 -1.69
N ALA A 72 17.32 3.22 -1.38
CA ALA A 72 18.12 3.25 -0.17
C ALA A 72 17.31 3.52 1.10
N ASN A 73 16.03 3.93 0.94
CA ASN A 73 15.21 4.32 2.08
C ASN A 73 13.78 3.82 1.99
N ARG A 74 13.60 2.56 1.61
CA ARG A 74 12.26 2.06 1.29
C ARG A 74 11.36 2.06 2.52
N THR A 75 11.93 1.91 3.72
CA THR A 75 11.12 1.73 4.93
C THR A 75 11.34 2.85 5.92
N ASN A 76 12.15 3.82 5.51
CA ASN A 76 12.60 4.86 6.41
C ASN A 76 12.11 6.22 5.89
N PHE A 77 10.94 6.64 6.37
CA PHE A 77 10.33 7.85 5.80
C PHE A 77 11.20 9.11 5.99
N ASN A 78 11.64 9.34 7.22
CA ASN A 78 12.44 10.54 7.48
C ASN A 78 13.69 10.51 6.60
N GLY A 79 14.33 9.33 6.48
CA GLY A 79 15.55 9.25 5.67
C GLY A 79 15.26 9.54 4.21
N PHE A 80 14.14 9.00 3.72
CA PHE A 80 13.77 9.21 2.31
C PHE A 80 13.49 10.68 2.02
N TYR A 81 12.71 11.29 2.89
CA TYR A 81 12.34 12.69 2.70
C TYR A 81 13.58 13.57 2.78
N ALA A 83 16.70 12.82 2.26
CA ALA A 83 17.60 12.57 1.14
C ALA A 83 17.10 13.30 -0.12
N ASN A 84 15.78 13.32 -0.30
CA ASN A 84 15.21 13.90 -1.55
C ASN A 84 14.64 15.30 -1.34
N ARG A 85 14.98 15.92 -0.21
CA ARG A 85 14.36 17.20 0.13
C ARG A 85 14.72 18.29 -0.87
N GLY A 86 15.98 18.30 -1.31
CA GLY A 86 16.37 19.32 -2.30
C GLY A 86 15.62 19.09 -3.62
N ALA A 87 15.52 17.83 -4.03
CA ALA A 87 14.74 17.47 -5.24
C ALA A 87 13.29 17.94 -5.13
N ILE A 88 12.70 17.68 -3.98
CA ILE A 88 11.31 18.05 -3.72
C ILE A 88 11.14 19.57 -3.79
N ASP A 89 12.10 20.29 -3.20
CA ASP A 89 12.05 21.75 -3.20
C ASP A 89 12.09 22.28 -4.66
N PHE A 90 12.90 21.65 -5.49
CA PHE A 90 12.99 22.04 -6.88
C PHE A 90 11.74 21.66 -7.69
N ILE A 91 11.32 20.41 -7.57
CA ILE A 91 10.27 19.84 -8.44
C ILE A 91 8.92 20.44 -8.10
N PHE A 92 8.71 20.79 -6.85
CA PHE A 92 7.41 21.32 -6.43
C PHE A 92 7.36 22.85 -6.28
N SER A 93 8.40 23.58 -6.71
CA SER A 93 8.52 25.02 -6.29
C SER A 93 7.23 25.87 -6.23
N ASN B 5 -10.32 -3.08 -20.33
CA ASN B 5 -9.19 -2.62 -21.18
C ASN B 5 -7.85 -3.19 -20.69
N SER B 6 -7.66 -3.09 -19.37
CA SER B 6 -6.63 -3.87 -18.70
C SER B 6 -7.27 -5.22 -18.34
N ALA B 7 -6.44 -6.16 -17.91
CA ALA B 7 -6.94 -7.43 -17.38
C ALA B 7 -7.94 -7.20 -16.23
N PRO B 8 -8.70 -8.24 -15.84
CA PRO B 8 -9.70 -8.07 -14.78
C PRO B 8 -9.02 -7.59 -13.49
N THR B 9 -9.67 -6.66 -12.79
CA THR B 9 -9.06 -6.01 -11.63
C THR B 9 -9.23 -6.92 -10.41
N PRO B 10 -8.48 -6.66 -9.33
CA PRO B 10 -8.84 -7.45 -8.12
C PRO B 10 -10.30 -7.39 -7.70
N ARG B 11 -10.95 -6.21 -7.77
CA ARG B 11 -12.36 -6.20 -7.40
CA ARG B 11 -12.39 -6.08 -7.49
C ARG B 11 -13.20 -7.07 -8.37
N ASP B 12 -12.86 -7.12 -9.65
CA ASP B 12 -13.47 -8.09 -10.58
C ASP B 12 -13.23 -9.54 -10.15
N VAL B 13 -12.01 -9.84 -9.75
CA VAL B 13 -11.64 -11.19 -9.29
C VAL B 13 -12.45 -11.63 -8.06
N VAL B 14 -12.78 -10.71 -7.15
CA VAL B 14 -13.50 -11.02 -5.89
C VAL B 14 -15.01 -10.65 -5.87
N ALA B 15 -15.58 -10.39 -7.04
CA ALA B 15 -16.98 -9.93 -7.13
C ALA B 15 -18.04 -10.77 -6.40
N ASN B 16 -17.83 -12.08 -6.29
CA ASN B 16 -18.76 -12.95 -5.54
CA ASN B 16 -18.78 -12.90 -5.50
C ASN B 16 -18.18 -13.58 -4.27
N ALA B 17 -17.03 -13.06 -3.81
CA ALA B 17 -16.40 -13.52 -2.57
C ALA B 17 -17.14 -12.97 -1.35
N PRO B 18 -16.85 -13.48 -0.14
CA PRO B 18 -17.47 -12.92 1.04
C PRO B 18 -17.26 -11.41 1.08
N ALA B 19 -18.25 -10.70 1.61
CA ALA B 19 -18.17 -9.27 1.78
C ALA B 19 -16.81 -8.74 2.32
N PRO B 20 -16.24 -9.33 3.41
CA PRO B 20 -14.98 -8.80 3.92
C PRO B 20 -13.82 -8.89 2.93
N VAL B 21 -13.87 -9.87 2.04
CA VAL B 21 -12.86 -9.93 0.97
C VAL B 21 -13.07 -8.77 0.00
N GLN B 22 -14.33 -8.53 -0.38
CA GLN B 22 -14.63 -7.41 -1.26
C GLN B 22 -14.26 -6.07 -0.64
N ALA B 23 -14.45 -5.93 0.68
CA ALA B 23 -14.13 -4.66 1.38
C ALA B 23 -12.65 -4.39 1.37
N ALA B 24 -11.86 -5.41 1.68
CA ALA B 24 -10.40 -5.23 1.72
C ALA B 24 -9.88 -4.83 0.35
N VAL B 25 -10.36 -5.50 -0.70
CA VAL B 25 -9.91 -5.21 -2.03
C VAL B 25 -10.43 -3.85 -2.52
N ALA B 26 -11.66 -3.51 -2.15
CA ALA B 26 -12.23 -2.21 -2.57
C ALA B 26 -11.40 -1.07 -2.02
N GLY B 27 -11.02 -1.19 -0.75
CA GLY B 27 -10.25 -0.13 -0.10
C GLY B 27 -8.92 0.08 -0.79
N ALA B 28 -8.28 -1.04 -1.17
CA ALA B 28 -6.99 -0.98 -1.88
C ALA B 28 -7.15 -0.37 -3.25
N GLN B 29 -8.24 -0.73 -3.92
CA GLN B 29 -8.46 -0.19 -5.24
C GLN B 29 -8.68 1.32 -5.20
N GLU B 30 -9.50 1.77 -4.26
CA GLU B 30 -9.79 3.20 -4.06
C GLU B 30 -8.50 3.96 -3.74
N TYR B 31 -7.68 3.38 -2.86
CA TYR B 31 -6.47 4.13 -2.47
C TYR B 31 -5.50 4.15 -3.64
N ALA B 32 -5.31 3.02 -4.32
CA ALA B 32 -4.38 2.94 -5.46
C ALA B 32 -4.79 3.94 -6.54
N ALA B 33 -6.10 4.14 -6.73
CA ALA B 33 -6.64 5.14 -7.67
C ALA B 33 -6.33 6.57 -7.21
N GLN B 34 -6.59 6.87 -5.93
CA GLN B 34 -6.22 8.15 -5.32
CA GLN B 34 -6.26 8.20 -5.47
C GLN B 34 -4.75 8.50 -5.58
N ALA B 35 -3.88 7.49 -5.39
CA ALA B 35 -2.44 7.70 -5.32
C ALA B 35 -1.50 7.38 -6.53
N GLY B 36 -1.93 6.52 -7.45
CA GLY B 36 -1.08 6.08 -8.58
C GLY B 36 -0.13 4.94 -8.24
N LEU B 37 -0.60 4.01 -7.41
CA LEU B 37 0.24 2.89 -7.01
C LEU B 37 -0.18 1.62 -7.74
N ASN B 38 0.53 0.52 -7.46
CA ASN B 38 0.25 -0.75 -8.13
C ASN B 38 -0.96 -1.39 -7.46
N THR B 39 -2.08 -1.43 -8.16
CA THR B 39 -3.34 -1.97 -7.64
C THR B 39 -3.17 -3.40 -7.14
N GLU B 40 -2.47 -4.25 -7.88
CA GLU B 40 -2.29 -5.66 -7.52
C GLU B 40 -1.61 -5.82 -6.18
N GLU B 41 -0.48 -5.13 -6.05
CA GLU B 41 0.33 -5.19 -4.86
C GLU B 41 -0.45 -4.75 -3.62
N LEU B 42 -1.14 -3.62 -3.76
CA LEU B 42 -1.90 -3.10 -2.63
C LEU B 42 -3.06 -4.03 -2.31
N ALA B 43 -3.73 -4.56 -3.32
CA ALA B 43 -4.80 -5.51 -3.05
C ALA B 43 -4.31 -6.79 -2.35
N VAL B 44 -3.18 -7.34 -2.82
CA VAL B 44 -2.58 -8.50 -2.11
C VAL B 44 -2.30 -8.14 -0.66
N ASP B 45 -1.62 -7.02 -0.44
CA ASP B 45 -1.30 -6.61 0.90
C ASP B 45 -2.52 -6.40 1.79
N ALA B 46 -3.55 -5.73 1.24
CA ALA B 46 -4.74 -5.46 2.05
C ALA B 46 -5.46 -6.76 2.41
N LEU B 47 -5.57 -7.69 1.43
CA LEU B 47 -6.26 -8.94 1.69
C LEU B 47 -5.46 -9.77 2.68
N TYR B 48 -4.14 -9.80 2.51
CA TYR B 48 -3.33 -10.54 3.43
C TYR B 48 -3.48 -10.02 4.86
N ASN B 49 -3.46 -8.71 5.03
CA ASN B 49 -3.60 -8.17 6.39
CA ASN B 49 -3.57 -8.22 6.39
C ASN B 49 -4.98 -8.43 6.96
N ALA B 50 -6.01 -8.41 6.11
CA ALA B 50 -7.37 -8.65 6.60
C ALA B 50 -7.47 -10.10 7.10
N ILE B 51 -6.82 -11.02 6.38
CA ILE B 51 -6.76 -12.41 6.85
C ILE B 51 -6.06 -12.50 8.23
N LYS B 52 -4.90 -11.86 8.34
CA LYS B 52 -4.09 -11.88 9.57
C LYS B 52 -4.93 -11.42 10.76
N VAL B 53 -5.65 -10.31 10.55
CA VAL B 53 -6.46 -9.71 11.60
C VAL B 53 -7.65 -10.59 12.00
N ARG B 54 -8.38 -11.13 11.00
CA ARG B 54 -9.48 -12.05 11.26
C ARG B 54 -8.99 -13.27 12.05
N LEU B 55 -7.87 -13.85 11.65
CA LEU B 55 -7.34 -15.03 12.32
C LEU B 55 -6.90 -14.72 13.74
N ALA B 56 -6.08 -13.68 13.90
CA ALA B 56 -5.52 -13.31 15.21
C ALA B 56 -6.61 -13.06 16.24
N GLY B 57 -7.78 -12.61 15.75
CA GLY B 57 -8.94 -12.35 16.60
C GLY B 57 -9.55 -13.60 17.23
N THR B 58 -9.03 -14.77 16.86
CA THR B 58 -9.52 -16.03 17.42
C THR B 58 -8.32 -16.90 17.80
N GLY B 59 -7.19 -16.22 18.02
CA GLY B 59 -5.99 -16.85 18.57
C GLY B 59 -5.16 -17.61 17.56
N LEU B 60 -5.52 -17.48 16.28
CA LEU B 60 -4.82 -18.22 15.23
C LEU B 60 -3.82 -17.38 14.46
N GLY B 61 -2.77 -18.06 14.00
CA GLY B 61 -1.80 -17.47 13.12
C GLY B 61 -2.14 -17.74 11.67
N ILE B 62 -1.40 -17.07 10.80
CA ILE B 62 -1.48 -17.36 9.38
C ILE B 62 -0.90 -18.75 9.17
N PRO B 63 -1.69 -19.65 8.54
CA PRO B 63 -1.03 -20.91 8.24
C PRO B 63 0.15 -20.70 7.27
N PRO B 64 1.27 -21.42 7.49
CA PRO B 64 2.46 -21.24 6.65
C PRO B 64 2.22 -21.35 5.14
N GLN B 65 1.23 -22.14 4.73
CA GLN B 65 0.91 -22.25 3.30
CA GLN B 65 0.88 -22.26 3.31
C GLN B 65 0.37 -20.93 2.73
N ILE B 66 -0.46 -20.25 3.50
CA ILE B 66 -1.04 -18.97 3.04
C ILE B 66 0.07 -17.92 3.05
N GLU B 67 0.89 -17.93 4.12
CA GLU B 67 2.04 -17.03 4.18
CA GLU B 67 2.05 -17.05 4.20
C GLU B 67 2.92 -17.24 2.96
N ALA B 68 3.18 -18.50 2.61
CA ALA B 68 4.05 -18.80 1.48
C ALA B 68 3.42 -18.36 0.15
N PHE B 69 2.12 -18.59 -0.02
CA PHE B 69 1.45 -18.12 -1.24
C PHE B 69 1.43 -16.58 -1.37
N TYR B 70 1.34 -15.88 -0.25
CA TYR B 70 1.47 -14.42 -0.23
C TYR B 70 2.86 -14.06 -0.76
N GLN B 71 3.88 -14.69 -0.19
CA GLN B 71 5.25 -14.35 -0.54
C GLN B 71 5.55 -14.73 -1.96
N ALA B 72 4.87 -15.75 -2.47
CA ALA B 72 5.09 -16.14 -3.89
C ALA B 72 4.26 -15.35 -4.89
N ASN B 73 3.40 -14.45 -4.39
CA ASN B 73 2.50 -13.71 -5.28
C ASN B 73 2.33 -12.26 -4.85
N ARG B 74 3.42 -11.60 -4.48
CA ARG B 74 3.34 -10.29 -3.88
C ARG B 74 2.76 -9.25 -4.84
N THR B 75 2.88 -9.49 -6.14
CA THR B 75 2.30 -8.57 -7.13
C THR B 75 1.33 -9.26 -8.08
N ASN B 76 0.82 -10.40 -7.63
CA ASN B 76 -0.06 -11.18 -8.44
C ASN B 76 -1.31 -11.51 -7.64
N PHE B 77 -2.29 -10.62 -7.72
CA PHE B 77 -3.47 -10.81 -6.92
C PHE B 77 -4.20 -12.12 -7.29
N ASN B 78 -4.41 -12.35 -8.58
CA ASN B 78 -5.06 -13.57 -8.99
CA ASN B 78 -5.04 -13.58 -9.00
C ASN B 78 -4.33 -14.82 -8.50
N GLY B 79 -2.99 -14.78 -8.53
CA GLY B 79 -2.20 -15.92 -8.03
C GLY B 79 -2.40 -16.20 -6.56
N PHE B 80 -2.43 -15.13 -5.78
CA PHE B 80 -2.60 -15.26 -4.34
C PHE B 80 -4.02 -15.71 -4.04
N TYR B 81 -5.01 -15.02 -4.60
CA TYR B 81 -6.38 -15.30 -4.24
C TYR B 81 -6.84 -16.67 -4.77
N ALA B 83 -4.92 -19.20 -5.35
CA ALA B 83 -4.14 -20.25 -4.68
C ALA B 83 -4.80 -20.62 -3.35
N ASN B 84 -5.67 -19.73 -2.87
CA ASN B 84 -6.24 -19.88 -1.55
C ASN B 84 -7.78 -19.69 -1.53
N ARG B 85 -8.50 -19.74 -2.67
CA ARG B 85 -9.87 -19.17 -2.72
C ARG B 85 -10.84 -19.74 -1.69
N GLY B 86 -11.01 -21.06 -1.67
CA GLY B 86 -11.93 -21.64 -0.72
C GLY B 86 -11.51 -21.45 0.74
N ALA B 87 -10.21 -21.56 1.00
CA ALA B 87 -9.69 -21.39 2.36
C ALA B 87 -9.96 -19.95 2.81
N ILE B 88 -9.71 -18.99 1.92
CA ILE B 88 -9.85 -17.58 2.27
C ILE B 88 -11.31 -17.26 2.51
N ASP B 89 -12.17 -17.78 1.65
CA ASP B 89 -13.59 -17.58 1.82
C ASP B 89 -14.08 -18.17 3.17
N PHE B 90 -13.52 -19.32 3.60
CA PHE B 90 -13.85 -19.90 4.90
C PHE B 90 -13.37 -19.04 6.09
N ILE B 91 -12.14 -18.53 5.98
CA ILE B 91 -11.60 -17.65 7.03
C ILE B 91 -12.62 -16.56 7.39
N PHE B 92 -13.26 -16.01 6.38
CA PHE B 92 -14.18 -14.89 6.59
C PHE B 92 -15.62 -15.30 6.88
N SER B 93 -15.91 -16.59 6.79
CA SER B 93 -17.27 -17.11 6.99
C SER B 93 -17.39 -17.78 8.34
#